data_4C77
#
_entry.id   4C77
#
_cell.length_a   107.360
_cell.length_b   107.360
_cell.length_c   106.790
_cell.angle_alpha   90.00
_cell.angle_beta   90.00
_cell.angle_gamma   120.00
#
_symmetry.space_group_name_H-M   'P 32 2 1'
#
loop_
_entity.id
_entity.type
_entity.pdbx_description
1 polymer 'PHENYLACETONE MONOOXYGENASE'
2 non-polymer 'FLAVIN-ADENINE DINUCLEOTIDE'
3 non-polymer '3-ACETYLPYRIDINE ADENINE DINUCLEOTIDE'
4 non-polymer 'HEXAETHYLENE GLYCOL'
5 water water
#
_entity_poly.entity_id   1
_entity_poly.type   'polypeptide(L)'
_entity_poly.pdbx_seq_one_letter_code
;MAGQTTVDSRRQPPEEVDVLVVGAGFSGLYALYRLRELGRSVHVIETAGDVGGVWYWNRYPGARCDIESIEYCYSFSEEV
LQEWNWTERYASQPEILRYINFVADKFDLRSGITFHTTVTAAAFDEATNTWTVDTNHGDRIRARYLIMASGQLSVPQLPN
FPGLKDFAGNLYHTGNWPHEPVDFSGQRVGVIGTGSSGIQVSPQIAKQAAELFVFQRTPHFAVPARNAPLDPEFLADLKK
RYAEFREESRNTPGGTHRYQGPKSALEVSDEELVETLERYWQEGGPDILAAYRDILRDRDANERVAEFIRNKIRNTVRDP
EVAERLVPKGYPFGTKKLILEIDYYEMFNRDNVHLVDTLSAPIETITPRGVRTSEREYELDSLVLATGFDALTGALFKID
IRGVGNVALKEKWAAGPRTYLGLSTAGFPNLFFIAGPGSPSALSNMLVSIEQHVEWVTDHIAYMFKNGLTRSEAVLEKED
EWVEHVNEIADETLYPMTASWYTGANVPGKPRVFMLYVGGFHRYRQICDEVAAKGYEGFVLT
;
_entity_poly.pdbx_strand_id   A
#
loop_
_chem_comp.id
_chem_comp.type
_chem_comp.name
_chem_comp.formula
FAD non-polymer 'FLAVIN-ADENINE DINUCLEOTIDE' 'C27 H33 N9 O15 P2'
N01 non-polymer '3-ACETYLPYRIDINE ADENINE DINUCLEOTIDE' 'C22 H26 N6 O17 P3 -3'
P6G non-polymer 'HEXAETHYLENE GLYCOL' 'C12 H26 O7'
#
# COMPACT_ATOMS: atom_id res chain seq x y z
N GLN A 12 -1.27 -4.54 27.66
CA GLN A 12 -2.61 -4.78 28.26
C GLN A 12 -3.15 -3.39 28.70
N PRO A 13 -4.14 -2.84 27.92
CA PRO A 13 -4.38 -1.38 27.66
C PRO A 13 -4.77 -0.50 28.84
N PRO A 14 -4.43 0.80 28.80
CA PRO A 14 -4.96 1.70 29.84
C PRO A 14 -6.48 1.98 29.67
N GLU A 15 -7.09 2.61 30.66
CA GLU A 15 -8.52 2.86 30.60
C GLU A 15 -8.82 4.28 30.11
N GLU A 16 -7.78 5.10 30.07
CA GLU A 16 -7.92 6.51 29.81
C GLU A 16 -6.63 6.98 29.14
N VAL A 17 -6.73 7.48 27.93
CA VAL A 17 -5.54 7.86 27.23
C VAL A 17 -5.76 9.13 26.42
N ASP A 18 -4.76 9.98 26.42
CA ASP A 18 -4.78 11.17 25.58
C ASP A 18 -5.10 10.81 24.12
N VAL A 19 -4.43 9.78 23.59
CA VAL A 19 -4.63 9.36 22.18
C VAL A 19 -4.51 7.85 21.97
N LEU A 20 -5.52 7.22 21.38
CA LEU A 20 -5.36 5.81 21.03
C LEU A 20 -5.05 5.64 19.54
N VAL A 21 -4.14 4.72 19.25
CA VAL A 21 -3.62 4.46 17.91
C VAL A 21 -3.92 2.99 17.60
N VAL A 22 -4.43 2.72 16.40
CA VAL A 22 -4.65 1.35 15.96
C VAL A 22 -3.61 0.98 14.91
N GLY A 23 -2.97 -0.17 15.12
CA GLY A 23 -1.99 -0.72 14.22
C GLY A 23 -0.59 -0.36 14.66
N ALA A 24 0.31 -1.32 14.55
CA ALA A 24 1.72 -1.04 14.86
C ALA A 24 2.65 -1.29 13.67
N GLY A 25 2.24 -0.84 12.48
CA GLY A 25 3.12 -0.85 11.31
C GLY A 25 3.81 0.49 11.32
N PHE A 26 4.35 0.91 10.20
CA PHE A 26 5.13 2.12 10.21
C PHE A 26 4.40 3.31 10.84
N SER A 27 3.12 3.47 10.49
CA SER A 27 2.33 4.61 10.91
C SER A 27 2.12 4.62 12.40
N GLY A 28 1.55 3.54 12.94
CA GLY A 28 1.40 3.38 14.42
C GLY A 28 2.61 3.68 15.28
N LEU A 29 3.75 3.07 14.94
CA LEU A 29 4.97 3.17 15.75
C LEU A 29 5.51 4.57 15.75
N TYR A 30 5.41 5.23 14.60
CA TYR A 30 5.83 6.61 14.54
C TYR A 30 4.89 7.46 15.37
N ALA A 31 3.60 7.20 15.26
CA ALA A 31 2.63 7.94 16.01
C ALA A 31 2.94 7.83 17.51
N LEU A 32 3.21 6.61 17.97
CA LEU A 32 3.46 6.34 19.39
C LEU A 32 4.66 7.13 19.88
N TYR A 33 5.74 7.06 19.11
CA TYR A 33 6.99 7.74 19.45
C TYR A 33 6.76 9.23 19.56
N ARG A 34 6.17 9.80 18.52
CA ARG A 34 6.08 11.23 18.41
C ARG A 34 5.13 11.80 19.45
N LEU A 35 4.04 11.08 19.74
CA LEU A 35 3.11 11.53 20.76
C LEU A 35 3.72 11.50 22.16
N ARG A 36 4.60 10.53 22.41
CA ARG A 36 5.43 10.51 23.64
C ARG A 36 6.39 11.69 23.76
N GLU A 37 7.13 11.98 22.68
CA GLU A 37 7.99 13.18 22.54
C GLU A 37 7.20 14.44 22.79
N LEU A 38 5.89 14.36 22.61
CA LEU A 38 5.03 15.55 22.76
C LEU A 38 4.34 15.53 24.12
N GLY A 39 4.84 14.68 25.02
CA GLY A 39 4.28 14.60 26.36
C GLY A 39 2.80 14.29 26.41
N ARG A 40 2.33 13.40 25.53
CA ARG A 40 0.96 12.88 25.61
C ARG A 40 0.98 11.41 25.98
N SER A 41 -0.06 10.96 26.67
CA SER A 41 -0.22 9.54 26.96
C SER A 41 -0.74 8.98 25.67
N VAL A 42 -0.34 7.76 25.35
CA VAL A 42 -0.64 7.21 24.05
C VAL A 42 -0.46 5.73 24.17
N HIS A 43 -1.32 4.99 23.50
CA HIS A 43 -1.27 3.54 23.52
C HIS A 43 -1.72 2.99 22.20
N VAL A 44 -1.14 1.84 21.83
CA VAL A 44 -1.46 1.22 20.55
C VAL A 44 -2.20 -0.11 20.76
N ILE A 45 -3.16 -0.40 19.89
CA ILE A 45 -3.79 -1.71 19.85
C ILE A 45 -3.54 -2.38 18.49
N GLU A 46 -3.02 -3.60 18.53
CA GLU A 46 -2.62 -4.29 17.32
C GLU A 46 -3.02 -5.77 17.26
N THR A 47 -3.71 -6.15 16.20
CA THR A 47 -4.17 -7.55 15.96
C THR A 47 -3.05 -8.58 15.98
N ALA A 48 -1.88 -8.17 15.47
CA ALA A 48 -0.74 -9.04 15.22
C ALA A 48 -0.07 -9.45 16.52
N GLY A 49 0.76 -10.49 16.44
CA GLY A 49 1.57 -10.96 17.56
C GLY A 49 2.68 -9.98 17.90
N ASP A 50 3.19 -9.26 16.89
CA ASP A 50 4.30 -8.30 17.06
C ASP A 50 4.20 -7.12 16.06
N VAL A 51 5.04 -6.10 16.23
CA VAL A 51 5.18 -4.97 15.30
C VAL A 51 5.44 -5.33 13.82
N GLY A 52 4.92 -4.50 12.92
CA GLY A 52 5.28 -4.60 11.51
C GLY A 52 4.24 -4.31 10.47
N GLY A 53 2.97 -4.60 10.73
CA GLY A 53 1.96 -4.26 9.71
C GLY A 53 2.25 -5.08 8.47
N VAL A 54 2.34 -4.48 7.30
CA VAL A 54 2.42 -5.37 6.15
C VAL A 54 3.58 -6.31 6.26
N TRP A 55 4.67 -5.84 6.81
CA TRP A 55 5.92 -6.62 6.86
C TRP A 55 5.96 -7.68 7.97
N TYR A 56 4.97 -7.66 8.82
CA TYR A 56 4.75 -8.76 9.71
C TYR A 56 3.85 -9.77 9.01
N TRP A 57 2.83 -9.29 8.32
CA TRP A 57 1.82 -10.18 7.73
C TRP A 57 2.31 -10.94 6.51
N ASN A 58 2.92 -10.20 5.60
CA ASN A 58 3.24 -10.73 4.28
C ASN A 58 4.60 -11.44 4.21
N ARG A 59 4.74 -12.58 4.86
CA ARG A 59 6.02 -13.32 4.86
C ARG A 59 6.11 -14.24 3.70
N TYR A 60 5.37 -14.03 2.64
CA TYR A 60 5.50 -15.02 1.59
C TYR A 60 6.93 -14.93 1.05
N PRO A 61 7.43 -16.04 0.50
CA PRO A 61 8.77 -16.00 -0.04
C PRO A 61 8.78 -15.12 -1.28
N GLY A 62 9.76 -14.24 -1.41
CA GLY A 62 9.76 -13.29 -2.49
C GLY A 62 9.31 -11.91 -1.99
N ALA A 63 8.52 -11.81 -0.92
CA ALA A 63 8.11 -10.47 -0.47
C ALA A 63 9.29 -9.47 -0.41
N ARG A 64 9.12 -8.33 -1.07
CA ARG A 64 10.20 -7.36 -1.29
C ARG A 64 9.65 -5.95 -1.64
N CYS A 65 10.36 -4.91 -1.18
CA CYS A 65 9.98 -3.54 -1.48
C CYS A 65 10.15 -3.11 -2.96
N ASP A 66 9.40 -2.10 -3.33
CA ASP A 66 9.26 -1.57 -4.67
C ASP A 66 10.06 -0.26 -4.76
N ILE A 67 10.19 0.41 -3.60
CA ILE A 67 10.94 1.63 -3.39
C ILE A 67 12.27 1.23 -2.76
N GLU A 68 13.36 1.78 -3.29
CA GLU A 68 14.70 1.59 -2.78
C GLU A 68 14.85 1.71 -1.29
N SER A 69 15.62 0.79 -0.73
CA SER A 69 15.83 0.76 0.70
C SER A 69 16.16 2.14 1.22
N ILE A 70 16.95 2.89 0.48
CA ILE A 70 17.49 4.13 1.04
C ILE A 70 16.36 5.12 1.12
N GLU A 71 15.33 4.91 0.28
CA GLU A 71 14.09 5.74 0.31
C GLU A 71 13.02 5.19 1.26
N TYR A 72 12.79 3.88 1.22
CA TYR A 72 11.76 3.29 2.07
C TYR A 72 12.27 3.06 3.50
N CYS A 73 12.21 4.13 4.31
CA CYS A 73 12.79 4.14 5.65
C CYS A 73 12.39 5.43 6.37
N TYR A 74 12.48 5.45 7.70
CA TYR A 74 12.19 6.64 8.50
C TYR A 74 13.31 7.68 8.44
N SER A 75 12.91 8.95 8.57
CA SER A 75 13.84 10.07 8.65
C SER A 75 13.64 10.85 9.94
N PHE A 76 12.62 10.53 10.70
CA PHE A 76 12.41 11.28 11.92
C PHE A 76 13.61 11.22 12.88
N SER A 77 14.35 10.10 12.91
CA SER A 77 15.48 9.94 13.83
C SER A 77 16.85 9.85 13.15
N GLU A 78 17.67 10.90 13.35
CA GLU A 78 19.04 10.98 12.82
C GLU A 78 19.95 9.79 13.22
N GLU A 79 19.83 9.35 14.46
CA GLU A 79 20.55 8.18 14.92
C GLU A 79 20.29 6.97 14.05
N VAL A 80 19.01 6.61 13.88
CA VAL A 80 18.59 5.51 13.02
C VAL A 80 19.17 5.56 11.58
N LEU A 81 19.10 6.73 10.91
CA LEU A 81 19.72 6.87 9.58
C LEU A 81 21.18 6.45 9.58
N GLN A 82 21.93 7.02 10.53
CA GLN A 82 23.35 6.72 10.77
C GLN A 82 23.59 5.26 11.05
N GLU A 83 22.96 4.70 12.08
CA GLU A 83 23.27 3.29 12.43
C GLU A 83 22.84 2.21 11.45
N TRP A 84 21.62 2.30 10.93
CA TRP A 84 21.05 1.23 10.14
C TRP A 84 21.83 1.05 8.84
N ASN A 85 22.07 -0.22 8.48
CA ASN A 85 22.76 -0.57 7.24
C ASN A 85 21.91 -1.38 6.29
N TRP A 86 21.43 -0.76 5.21
CA TRP A 86 20.66 -1.52 4.22
C TRP A 86 21.67 -2.31 3.42
N THR A 87 21.27 -3.45 2.89
CA THR A 87 22.22 -4.29 2.16
C THR A 87 21.96 -4.37 0.67
N GLU A 88 20.69 -4.29 0.25
CA GLU A 88 20.25 -4.50 -1.14
CA GLU A 88 20.41 -4.40 -1.17
C GLU A 88 19.53 -3.25 -1.64
N ARG A 89 19.49 -3.05 -2.95
CA ARG A 89 18.77 -1.90 -3.53
C ARG A 89 17.31 -1.89 -3.10
N TYR A 90 16.62 -3.03 -3.24
CA TYR A 90 15.29 -3.23 -2.58
C TYR A 90 15.31 -4.22 -1.43
N ALA A 91 14.94 -3.78 -0.22
CA ALA A 91 14.94 -4.64 0.96
C ALA A 91 13.99 -5.80 0.79
N SER A 92 14.43 -6.97 1.23
CA SER A 92 13.54 -8.11 1.35
C SER A 92 12.70 -7.91 2.62
N GLN A 93 11.56 -8.59 2.69
CA GLN A 93 10.68 -8.42 3.84
C GLN A 93 11.37 -8.74 5.20
N PRO A 94 12.20 -9.79 5.25
CA PRO A 94 12.79 -10.02 6.58
C PRO A 94 13.69 -8.89 7.00
N GLU A 95 14.47 -8.37 6.06
CA GLU A 95 15.34 -7.21 6.32
C GLU A 95 14.52 -6.02 6.78
N ILE A 96 13.31 -5.83 6.23
CA ILE A 96 12.51 -4.67 6.59
C ILE A 96 11.94 -4.90 7.97
N LEU A 97 11.46 -6.13 8.20
CA LEU A 97 10.99 -6.51 9.52
C LEU A 97 12.11 -6.33 10.56
N ARG A 98 13.33 -6.85 10.29
CA ARG A 98 14.50 -6.52 11.16
CA ARG A 98 14.50 -6.52 11.16
C ARG A 98 14.56 -5.01 11.46
N TYR A 99 14.60 -4.19 10.42
CA TYR A 99 14.57 -2.72 10.57
C TYR A 99 13.47 -2.27 11.53
N ILE A 100 12.25 -2.77 11.33
CA ILE A 100 11.14 -2.31 12.14
C ILE A 100 11.33 -2.73 13.61
N ASN A 101 11.70 -4.01 13.84
CA ASN A 101 12.11 -4.51 15.17
C ASN A 101 13.28 -3.70 15.78
N PHE A 102 14.16 -3.21 14.92
CA PHE A 102 15.29 -2.48 15.39
C PHE A 102 14.79 -1.17 15.96
N VAL A 103 13.96 -0.48 15.18
CA VAL A 103 13.46 0.84 15.56
C VAL A 103 12.57 0.79 16.81
N ALA A 104 11.78 -0.28 16.92
CA ALA A 104 10.94 -0.58 18.08
C ALA A 104 11.74 -0.83 19.37
N ASP A 105 12.85 -1.54 19.23
CA ASP A 105 13.73 -1.74 20.34
C ASP A 105 14.30 -0.35 20.70
N LYS A 106 15.01 0.27 19.78
CA LYS A 106 15.61 1.55 20.08
C LYS A 106 14.75 2.54 20.88
N PHE A 107 13.46 2.67 20.61
CA PHE A 107 12.66 3.70 21.32
C PHE A 107 11.67 3.15 22.34
N ASP A 108 11.86 1.87 22.68
CA ASP A 108 11.07 1.13 23.67
C ASP A 108 9.58 1.25 23.40
N LEU A 109 9.20 0.89 22.19
CA LEU A 109 7.86 1.18 21.73
C LEU A 109 6.86 0.13 22.19
N ARG A 110 7.33 -1.08 22.51
CA ARG A 110 6.42 -2.20 22.82
C ARG A 110 5.64 -2.05 24.14
N SER A 111 6.15 -1.20 25.01
CA SER A 111 5.52 -1.01 26.27
C SER A 111 4.31 -0.12 26.03
N GLY A 112 4.23 0.44 24.83
CA GLY A 112 3.07 1.26 24.42
C GLY A 112 2.04 0.54 23.57
N ILE A 113 2.21 -0.74 23.38
CA ILE A 113 1.43 -1.50 22.43
C ILE A 113 0.84 -2.75 23.08
N THR A 114 -0.47 -2.95 22.95
CA THR A 114 -1.07 -4.25 23.32
C THR A 114 -1.22 -5.05 22.05
N PHE A 115 -0.61 -6.24 22.00
CA PHE A 115 -0.62 -7.04 20.80
C PHE A 115 -1.77 -8.03 20.87
N HIS A 116 -1.93 -8.84 19.82
CA HIS A 116 -2.92 -9.94 19.73
C HIS A 116 -4.38 -9.52 19.93
N THR A 117 -4.71 -8.26 19.60
CA THR A 117 -5.98 -7.62 19.97
C THR A 117 -6.59 -6.78 18.84
N THR A 118 -7.72 -7.21 18.28
CA THR A 118 -8.47 -6.44 17.30
C THR A 118 -9.52 -5.49 17.90
N VAL A 119 -9.45 -4.23 17.53
CA VAL A 119 -10.48 -3.25 17.81
C VAL A 119 -11.74 -3.58 16.99
N THR A 120 -12.89 -3.62 17.66
CA THR A 120 -14.13 -4.02 17.02
C THR A 120 -15.13 -2.86 16.81
N ALA A 121 -15.10 -1.88 17.70
CA ALA A 121 -16.01 -0.72 17.54
C ALA A 121 -15.42 0.52 18.18
N ALA A 122 -15.92 1.68 17.81
CA ALA A 122 -15.57 2.88 18.49
C ALA A 122 -16.68 3.89 18.25
N ALA A 123 -17.04 4.63 19.29
CA ALA A 123 -18.21 5.50 19.25
C ALA A 123 -17.83 6.77 19.97
N PHE A 124 -18.21 7.91 19.42
CA PHE A 124 -17.77 9.18 19.93
C PHE A 124 -18.82 9.75 20.85
N ASP A 125 -18.43 10.14 22.06
CA ASP A 125 -19.39 10.62 23.02
C ASP A 125 -19.40 12.13 22.99
N GLU A 126 -20.25 12.66 22.11
CA GLU A 126 -20.57 14.08 22.04
C GLU A 126 -20.64 14.79 23.40
N ALA A 127 -21.19 14.10 24.42
CA ALA A 127 -21.27 14.64 25.78
C ALA A 127 -19.90 15.07 26.32
N THR A 128 -18.88 14.26 26.05
CA THR A 128 -17.53 14.46 26.60
C THR A 128 -16.38 14.74 25.61
N ASN A 129 -16.72 15.10 24.37
CA ASN A 129 -15.77 15.12 23.26
C ASN A 129 -14.70 13.99 23.30
N THR A 130 -15.13 12.73 23.37
CA THR A 130 -14.18 11.60 23.51
C THR A 130 -14.63 10.31 22.80
N TRP A 131 -13.68 9.51 22.35
CA TRP A 131 -13.98 8.21 21.77
C TRP A 131 -13.92 7.06 22.77
N THR A 132 -14.88 6.16 22.67
CA THR A 132 -14.86 4.92 23.43
C THR A 132 -14.57 3.78 22.48
N VAL A 133 -13.51 3.05 22.77
CA VAL A 133 -13.03 2.04 21.85
C VAL A 133 -13.10 0.65 22.47
N ASP A 134 -13.75 -0.28 21.77
CA ASP A 134 -13.92 -1.67 22.20
C ASP A 134 -12.99 -2.59 21.43
N THR A 135 -12.70 -3.75 22.01
CA THR A 135 -11.80 -4.77 21.42
C THR A 135 -12.32 -6.19 21.61
N ASN A 136 -11.80 -7.14 20.84
CA ASN A 136 -12.35 -8.51 20.89
C ASN A 136 -12.04 -9.27 22.17
N HIS A 137 -11.05 -8.79 22.92
CA HIS A 137 -10.61 -9.39 24.19
C HIS A 137 -11.51 -8.89 25.29
N GLY A 138 -12.10 -7.73 25.05
CA GLY A 138 -13.15 -7.26 25.92
C GLY A 138 -12.76 -5.95 26.54
N ASP A 139 -11.52 -5.49 26.31
CA ASP A 139 -11.07 -4.17 26.80
C ASP A 139 -12.00 -3.03 26.30
N ARG A 140 -12.19 -2.01 27.14
CA ARG A 140 -12.87 -0.79 26.74
C ARG A 140 -11.96 0.37 27.17
N ILE A 141 -11.50 1.15 26.20
CA ILE A 141 -10.58 2.25 26.46
C ILE A 141 -11.31 3.51 26.06
N ARG A 142 -11.09 4.57 26.81
CA ARG A 142 -11.68 5.86 26.47
C ARG A 142 -10.53 6.84 26.11
N ALA A 143 -10.67 7.55 25.00
CA ALA A 143 -9.57 8.40 24.49
C ALA A 143 -10.07 9.74 23.97
N ARG A 144 -9.27 10.78 24.08
CA ARG A 144 -9.74 12.03 23.56
C ARG A 144 -9.68 11.98 22.00
N TYR A 145 -8.62 11.39 21.46
CA TYR A 145 -8.43 11.32 20.01
C TYR A 145 -8.15 9.92 19.49
N LEU A 146 -8.73 9.61 18.34
CA LEU A 146 -8.56 8.30 17.79
C LEU A 146 -7.72 8.37 16.53
N ILE A 147 -6.57 7.68 16.56
CA ILE A 147 -5.74 7.58 15.36
C ILE A 147 -5.79 6.21 14.72
N MET A 148 -6.32 6.18 13.51
CA MET A 148 -6.44 4.92 12.81
C MET A 148 -5.24 4.79 11.93
N ALA A 149 -4.32 3.93 12.34
CA ALA A 149 -3.10 3.64 11.58
C ALA A 149 -3.21 2.19 11.14
N SER A 150 -4.37 1.87 10.56
CA SER A 150 -4.71 0.47 10.28
C SER A 150 -4.44 0.10 8.84
N GLY A 151 -3.68 0.97 8.18
CA GLY A 151 -3.05 0.63 6.92
C GLY A 151 -3.96 0.75 5.73
N GLN A 152 -3.46 0.34 4.58
CA GLN A 152 -4.13 0.58 3.33
C GLN A 152 -4.39 -0.76 2.71
N LEU A 153 -3.47 -1.70 2.93
CA LEU A 153 -3.57 -3.02 2.33
C LEU A 153 -3.39 -4.01 3.46
N SER A 154 -4.39 -4.06 4.33
CA SER A 154 -4.23 -4.84 5.53
C SER A 154 -5.34 -5.79 5.81
N VAL A 155 -6.25 -5.96 4.87
CA VAL A 155 -7.35 -6.92 5.03
C VAL A 155 -7.51 -7.83 3.81
N PRO A 156 -6.96 -9.06 3.90
CA PRO A 156 -6.86 -9.91 2.72
C PRO A 156 -8.23 -10.11 2.06
N GLN A 157 -8.25 -9.99 0.73
CA GLN A 157 -9.41 -10.31 -0.08
C GLN A 157 -9.23 -11.66 -0.70
N LEU A 158 -10.13 -12.58 -0.34
CA LEU A 158 -10.34 -13.84 -1.08
C LEU A 158 -10.89 -13.56 -2.48
N PRO A 159 -10.70 -14.47 -3.44
CA PRO A 159 -11.34 -14.25 -4.73
C PRO A 159 -12.80 -14.67 -4.63
N ASN A 160 -13.63 -14.21 -5.58
CA ASN A 160 -15.06 -14.49 -5.45
C ASN A 160 -15.52 -15.75 -6.22
N PHE A 161 -15.41 -16.88 -5.51
CA PHE A 161 -15.98 -18.16 -5.95
C PHE A 161 -16.06 -19.31 -4.95
N PRO A 162 -16.74 -20.35 -5.39
CA PRO A 162 -17.22 -21.44 -4.59
C PRO A 162 -16.21 -22.56 -4.44
N GLY A 163 -16.29 -23.28 -3.32
CA GLY A 163 -15.56 -24.53 -3.17
C GLY A 163 -14.16 -24.33 -2.66
N LEU A 164 -13.92 -23.13 -2.12
CA LEU A 164 -12.70 -22.83 -1.39
C LEU A 164 -12.66 -23.78 -0.21
N LYS A 165 -13.63 -23.62 0.69
CA LYS A 165 -13.95 -24.56 1.77
C LYS A 165 -13.80 -26.04 1.37
N ASP A 166 -13.87 -26.33 0.09
CA ASP A 166 -13.91 -27.73 -0.33
C ASP A 166 -12.55 -28.29 -0.66
N PHE A 167 -11.63 -27.42 -1.07
CA PHE A 167 -10.31 -27.83 -1.52
C PHE A 167 -9.60 -28.72 -0.51
N ALA A 168 -9.17 -29.90 -0.99
CA ALA A 168 -8.46 -30.89 -0.13
C ALA A 168 -6.98 -30.56 0.25
N GLY A 169 -6.24 -29.90 -0.63
CA GLY A 169 -4.85 -29.52 -0.34
C GLY A 169 -4.72 -28.35 0.63
N ASN A 170 -3.55 -27.69 0.62
CA ASN A 170 -3.35 -26.58 1.55
C ASN A 170 -3.61 -25.22 0.90
N LEU A 171 -4.12 -24.32 1.72
CA LEU A 171 -4.59 -23.07 1.20
C LEU A 171 -3.92 -21.91 1.90
N TYR A 172 -3.56 -20.90 1.12
CA TYR A 172 -2.82 -19.77 1.69
C TYR A 172 -3.26 -18.51 1.02
N HIS A 173 -3.35 -17.42 1.78
CA HIS A 173 -3.36 -16.10 1.16
C HIS A 173 -1.95 -15.53 1.35
N THR A 174 -1.41 -14.82 0.37
CA THR A 174 -0.06 -14.25 0.58
C THR A 174 -0.07 -13.30 1.74
N GLY A 175 -1.19 -12.61 1.96
CA GLY A 175 -1.24 -11.55 2.98
C GLY A 175 -1.45 -11.96 4.44
N ASN A 176 -1.40 -13.27 4.68
CA ASN A 176 -1.57 -13.84 6.01
C ASN A 176 -0.80 -15.18 5.95
N TRP A 177 0.44 -15.07 5.57
CA TRP A 177 1.24 -16.21 5.27
C TRP A 177 1.73 -16.79 6.60
N PRO A 178 1.96 -18.11 6.64
CA PRO A 178 2.43 -18.76 7.85
C PRO A 178 3.78 -18.21 8.30
N HIS A 179 4.03 -18.36 9.61
CA HIS A 179 5.32 -18.02 10.23
C HIS A 179 6.45 -19.04 10.01
N GLU A 180 6.16 -20.33 10.11
CA GLU A 180 7.13 -21.36 9.80
C GLU A 180 7.09 -21.55 8.26
N PRO A 181 8.24 -21.37 7.55
CA PRO A 181 8.37 -21.59 6.10
C PRO A 181 7.60 -22.80 5.58
N VAL A 182 7.11 -22.66 4.34
CA VAL A 182 6.23 -23.61 3.70
C VAL A 182 6.97 -24.29 2.58
N ASP A 183 6.72 -25.58 2.43
CA ASP A 183 7.51 -26.41 1.58
C ASP A 183 6.63 -26.85 0.41
N PHE A 184 7.06 -26.63 -0.82
CA PHE A 184 6.22 -26.91 -1.98
C PHE A 184 6.90 -27.96 -2.81
N SER A 185 7.94 -28.54 -2.20
CA SER A 185 8.76 -29.55 -2.82
C SER A 185 7.87 -30.68 -3.21
N GLY A 186 8.12 -31.21 -4.40
CA GLY A 186 7.29 -32.28 -4.95
C GLY A 186 5.87 -31.89 -5.37
N GLN A 187 5.30 -30.83 -4.77
CA GLN A 187 3.91 -30.42 -4.99
C GLN A 187 3.55 -29.88 -6.38
N ARG A 188 2.29 -30.13 -6.77
CA ARG A 188 1.63 -29.44 -7.91
C ARG A 188 1.00 -28.22 -7.25
N VAL A 189 1.49 -27.04 -7.63
CA VAL A 189 1.01 -25.84 -6.94
C VAL A 189 0.33 -24.89 -7.91
N GLY A 190 -0.73 -24.25 -7.41
CA GLY A 190 -1.43 -23.21 -8.13
C GLY A 190 -1.42 -21.89 -7.37
N VAL A 191 -1.18 -20.84 -8.14
CA VAL A 191 -1.21 -19.47 -7.66
C VAL A 191 -2.31 -18.71 -8.41
N ILE A 192 -3.27 -18.19 -7.66
CA ILE A 192 -4.27 -17.27 -8.21
C ILE A 192 -3.98 -15.80 -7.86
N GLY A 193 -3.72 -15.02 -8.90
CA GLY A 193 -3.42 -13.63 -8.74
C GLY A 193 -2.06 -13.39 -9.39
N THR A 194 -2.00 -12.39 -10.26
CA THR A 194 -0.70 -11.98 -10.75
C THR A 194 -0.46 -10.52 -10.50
N GLY A 195 -0.72 -10.11 -9.27
CA GLY A 195 -0.50 -8.72 -8.89
C GLY A 195 0.96 -8.63 -8.57
N SER A 196 1.32 -7.72 -7.69
CA SER A 196 2.64 -7.69 -7.12
C SER A 196 2.93 -8.96 -6.34
N SER A 197 1.99 -9.38 -5.53
CA SER A 197 2.23 -10.49 -4.65
C SER A 197 2.38 -11.75 -5.44
N GLY A 198 1.50 -11.95 -6.39
CA GLY A 198 1.67 -13.06 -7.32
C GLY A 198 3.00 -13.07 -8.02
N ILE A 199 3.47 -11.88 -8.42
CA ILE A 199 4.66 -11.80 -9.27
C ILE A 199 5.94 -12.02 -8.49
N GLN A 200 5.95 -11.61 -7.23
CA GLN A 200 7.08 -11.93 -6.35
C GLN A 200 7.07 -13.39 -5.94
N VAL A 201 5.92 -13.91 -5.55
CA VAL A 201 5.88 -15.22 -4.91
C VAL A 201 6.08 -16.39 -5.89
N SER A 202 5.63 -16.22 -7.13
CA SER A 202 5.72 -17.27 -8.15
C SER A 202 7.13 -17.78 -8.48
N PRO A 203 8.08 -16.90 -8.84
CA PRO A 203 9.39 -17.48 -9.18
C PRO A 203 10.00 -18.29 -8.04
N GLN A 204 9.68 -17.91 -6.80
CA GLN A 204 10.06 -18.64 -5.58
C GLN A 204 9.43 -20.01 -5.52
N ILE A 205 8.11 -20.09 -5.68
CA ILE A 205 7.42 -21.36 -5.60
C ILE A 205 7.84 -22.28 -6.74
N ALA A 206 8.20 -21.67 -7.88
CA ALA A 206 8.51 -22.43 -9.07
C ALA A 206 9.73 -23.28 -8.85
N LYS A 207 10.53 -22.90 -7.88
CA LYS A 207 11.80 -23.54 -7.64
C LYS A 207 11.70 -24.75 -6.73
N GLN A 208 10.62 -24.89 -5.97
CA GLN A 208 10.41 -26.07 -5.12
C GLN A 208 9.49 -27.12 -5.72
N ALA A 209 8.53 -26.68 -6.55
CA ALA A 209 7.36 -27.50 -6.88
C ALA A 209 7.55 -28.23 -8.17
N ALA A 210 6.86 -29.38 -8.27
CA ALA A 210 6.96 -30.22 -9.46
C ALA A 210 6.23 -29.55 -10.61
N GLU A 211 5.10 -28.91 -10.28
CA GLU A 211 4.33 -28.15 -11.28
C GLU A 211 3.72 -26.92 -10.66
N LEU A 212 3.92 -25.80 -11.34
CA LEU A 212 3.32 -24.54 -10.97
C LEU A 212 2.34 -24.03 -12.03
N PHE A 213 1.10 -23.87 -11.59
CA PHE A 213 0.07 -23.26 -12.43
C PHE A 213 -0.26 -21.84 -11.99
N VAL A 214 -0.17 -20.93 -12.95
CA VAL A 214 -0.36 -19.52 -12.64
C VAL A 214 -1.64 -18.96 -13.25
N PHE A 215 -2.61 -18.65 -12.38
CA PHE A 215 -3.94 -18.20 -12.80
C PHE A 215 -4.05 -16.68 -12.97
N GLN A 216 -3.96 -16.29 -14.23
CA GLN A 216 -4.01 -14.93 -14.61
C GLN A 216 -5.42 -14.54 -14.97
N ARG A 217 -5.89 -13.43 -14.45
CA ARG A 217 -7.02 -12.78 -15.06
C ARG A 217 -6.43 -11.70 -15.98
N THR A 218 -6.45 -10.45 -15.56
CA THR A 218 -5.86 -9.40 -16.37
C THR A 218 -4.36 -9.40 -16.09
N PRO A 219 -3.55 -9.49 -17.17
CA PRO A 219 -2.13 -9.19 -17.07
C PRO A 219 -1.87 -7.79 -16.48
N HIS A 220 -1.06 -7.76 -15.42
CA HIS A 220 -0.53 -6.52 -14.93
C HIS A 220 0.77 -6.19 -15.65
N PHE A 221 1.06 -4.89 -15.76
CA PHE A 221 2.36 -4.42 -16.26
C PHE A 221 3.46 -4.60 -15.23
N ALA A 222 4.55 -5.22 -15.63
CA ALA A 222 5.76 -5.31 -14.78
C ALA A 222 7.06 -5.02 -15.53
N VAL A 223 7.98 -4.31 -14.88
CA VAL A 223 9.35 -4.07 -15.41
C VAL A 223 10.45 -4.71 -14.49
N PRO A 224 11.68 -4.95 -15.01
CA PRO A 224 12.67 -5.59 -14.13
C PRO A 224 13.11 -4.71 -12.95
N ALA A 225 13.26 -5.31 -11.77
CA ALA A 225 13.79 -4.58 -10.62
C ALA A 225 15.26 -4.23 -10.78
N ARG A 226 16.03 -5.05 -11.50
CA ARG A 226 17.51 -5.03 -11.45
C ARG A 226 17.96 -4.70 -10.04
N ASN A 227 17.57 -5.55 -9.08
CA ASN A 227 18.06 -5.47 -7.70
C ASN A 227 19.54 -5.65 -7.78
N ALA A 228 20.27 -5.17 -6.81
CA ALA A 228 21.73 -5.33 -6.83
C ALA A 228 22.17 -5.18 -5.39
N PRO A 229 23.43 -5.50 -5.09
CA PRO A 229 23.91 -5.20 -3.72
C PRO A 229 24.04 -3.69 -3.55
N LEU A 230 24.03 -3.23 -2.31
CA LEU A 230 24.20 -1.82 -2.04
C LEU A 230 25.65 -1.58 -1.68
N ASP A 231 26.39 -0.92 -2.57
CA ASP A 231 27.76 -0.54 -2.30
C ASP A 231 27.88 0.19 -0.96
N PRO A 232 28.66 -0.39 0.01
CA PRO A 232 28.77 0.21 1.36
C PRO A 232 29.47 1.59 1.40
N GLU A 233 30.23 1.88 0.36
CA GLU A 233 30.90 3.17 0.20
C GLU A 233 29.81 4.16 0.02
N PHE A 234 28.89 3.81 -0.88
CA PHE A 234 27.84 4.72 -1.30
C PHE A 234 26.95 5.02 -0.12
N LEU A 235 26.65 3.98 0.67
CA LEU A 235 25.77 4.14 1.83
C LEU A 235 26.40 5.13 2.78
N ALA A 236 27.60 4.77 3.25
CA ALA A 236 28.43 5.64 4.09
C ALA A 236 28.51 7.09 3.59
N ASP A 237 28.69 7.28 2.28
CA ASP A 237 28.64 8.62 1.67
C ASP A 237 27.34 9.35 1.86
N LEU A 238 26.27 8.68 1.43
CA LEU A 238 24.91 9.14 1.60
C LEU A 238 24.61 9.52 3.03
N LYS A 239 25.06 8.68 3.97
CA LYS A 239 24.82 9.00 5.38
C LYS A 239 25.30 10.42 5.72
N LYS A 240 26.35 10.89 5.05
CA LYS A 240 26.93 12.18 5.40
C LYS A 240 25.95 13.31 5.12
N ARG A 241 25.16 13.17 4.08
CA ARG A 241 24.11 14.15 3.78
C ARG A 241 22.70 13.53 3.77
N TYR A 242 22.40 12.64 4.72
CA TYR A 242 21.14 11.89 4.68
C TYR A 242 19.90 12.77 4.77
N ALA A 243 19.82 13.57 5.85
CA ALA A 243 18.70 14.50 5.99
C ALA A 243 18.51 15.37 4.76
N GLU A 244 19.60 15.84 4.18
CA GLU A 244 19.48 16.68 2.98
C GLU A 244 18.81 15.88 1.83
N PHE A 245 19.32 14.67 1.57
CA PHE A 245 18.75 13.74 0.62
C PHE A 245 17.27 13.46 0.89
N ARG A 246 16.89 13.23 2.13
CA ARG A 246 15.52 12.89 2.43
C ARG A 246 14.61 14.09 2.10
N GLU A 247 15.04 15.25 2.56
CA GLU A 247 14.39 16.48 2.22
C GLU A 247 14.17 16.64 0.70
N GLU A 248 15.13 16.26 -0.12
CA GLU A 248 14.92 16.38 -1.57
C GLU A 248 13.74 15.47 -1.96
N SER A 249 13.73 14.23 -1.44
CA SER A 249 12.65 13.27 -1.73
CA SER A 249 12.64 13.31 -1.81
C SER A 249 11.26 13.80 -1.32
N ARG A 250 11.21 14.49 -0.16
CA ARG A 250 9.96 15.09 0.32
C ARG A 250 9.43 16.23 -0.59
N ASN A 251 10.31 16.94 -1.29
CA ASN A 251 9.79 17.89 -2.28
C ASN A 251 9.78 17.31 -3.64
N THR A 252 9.05 16.21 -3.83
CA THR A 252 8.76 15.61 -5.17
C THR A 252 7.29 15.17 -5.25
N PRO A 253 6.75 14.95 -6.46
CA PRO A 253 5.39 14.43 -6.48
C PRO A 253 5.28 13.06 -5.82
N GLY A 254 6.25 12.18 -6.12
CA GLY A 254 6.21 10.80 -5.64
C GLY A 254 6.99 10.39 -4.40
N GLY A 255 7.63 11.33 -3.72
CA GLY A 255 8.40 10.97 -2.51
C GLY A 255 9.74 10.17 -2.63
N THR A 256 10.33 10.12 -3.83
CA THR A 256 11.61 9.43 -4.12
C THR A 256 12.42 10.26 -5.12
N HIS A 257 13.68 9.87 -5.35
CA HIS A 257 14.55 10.63 -6.29
C HIS A 257 14.27 10.43 -7.77
N ARG A 258 13.16 9.78 -8.11
CA ARG A 258 12.78 9.59 -9.51
C ARG A 258 12.85 10.89 -10.30
N TYR A 259 13.51 10.85 -11.45
CA TYR A 259 13.61 11.99 -12.35
C TYR A 259 12.29 12.26 -13.09
N GLN A 260 11.84 13.51 -13.08
CA GLN A 260 10.60 13.93 -13.73
C GLN A 260 10.81 14.38 -15.20
N GLY A 261 10.55 13.50 -16.15
CA GLY A 261 10.81 13.79 -17.55
C GLY A 261 10.04 15.03 -17.97
N PRO A 262 10.74 16.06 -18.50
CA PRO A 262 10.13 17.35 -18.84
C PRO A 262 9.32 17.30 -20.14
N LYS A 263 9.70 16.38 -21.03
CA LYS A 263 9.13 16.19 -22.36
C LYS A 263 7.82 15.40 -22.40
N SER A 264 7.11 15.49 -23.53
CA SER A 264 5.85 14.78 -23.76
C SER A 264 6.15 13.53 -24.59
N ALA A 265 5.58 12.41 -24.22
CA ALA A 265 5.85 11.17 -24.94
C ALA A 265 5.37 11.26 -26.37
N LEU A 266 4.66 12.33 -26.69
CA LEU A 266 4.19 12.51 -28.08
C LEU A 266 5.16 13.34 -28.93
N GLU A 267 5.84 14.30 -28.28
CA GLU A 267 6.72 15.17 -29.01
C GLU A 267 7.94 14.41 -29.59
N VAL A 268 8.50 13.44 -28.87
CA VAL A 268 9.73 12.77 -29.34
C VAL A 268 9.52 11.83 -30.50
N SER A 269 10.58 11.56 -31.25
CA SER A 269 10.48 10.66 -32.37
C SER A 269 10.44 9.27 -31.83
N ASP A 270 10.14 8.29 -32.67
CA ASP A 270 10.21 6.89 -32.26
C ASP A 270 11.60 6.49 -31.79
N GLU A 271 12.63 7.06 -32.41
CA GLU A 271 14.00 6.64 -32.14
C GLU A 271 14.40 7.11 -30.75
N GLU A 272 14.08 8.37 -30.42
CA GLU A 272 14.41 8.86 -29.12
C GLU A 272 13.55 8.16 -28.04
N LEU A 273 12.29 7.90 -28.35
CA LEU A 273 11.44 7.10 -27.49
C LEU A 273 12.05 5.76 -27.10
N VAL A 274 12.44 4.95 -28.09
CA VAL A 274 12.96 3.63 -27.80
C VAL A 274 14.25 3.74 -27.02
N GLU A 275 15.06 4.70 -27.40
CA GLU A 275 16.36 4.85 -26.83
C GLU A 275 16.22 5.38 -25.41
N THR A 276 15.34 6.36 -25.15
CA THR A 276 15.11 6.78 -23.77
C THR A 276 14.49 5.66 -22.92
N LEU A 277 13.59 4.87 -23.46
CA LEU A 277 12.99 3.85 -22.58
C LEU A 277 13.90 2.63 -22.41
N GLU A 278 14.83 2.43 -23.33
CA GLU A 278 15.70 1.29 -23.21
C GLU A 278 16.64 1.53 -22.04
N ARG A 279 17.05 2.78 -21.86
CA ARG A 279 17.82 3.19 -20.68
C ARG A 279 17.16 2.97 -19.31
N TYR A 280 15.84 3.17 -19.22
CA TYR A 280 15.10 2.94 -17.99
C TYR A 280 14.99 1.44 -17.80
N TRP A 281 14.78 0.72 -18.90
CA TRP A 281 14.65 -0.73 -18.84
C TRP A 281 15.96 -1.43 -18.38
N GLN A 282 17.13 -0.99 -18.87
CA GLN A 282 18.41 -1.55 -18.41
C GLN A 282 18.61 -1.26 -16.94
N GLU A 283 18.26 -0.06 -16.52
CA GLU A 283 18.50 0.37 -15.15
C GLU A 283 17.56 -0.28 -14.11
N GLY A 284 16.30 -0.46 -14.51
CA GLY A 284 15.29 -1.12 -13.69
C GLY A 284 14.58 -0.25 -12.66
N GLY A 285 13.52 -0.80 -12.08
CA GLY A 285 12.75 -0.02 -11.13
C GLY A 285 11.68 0.79 -11.81
N PRO A 286 10.95 1.62 -11.02
CA PRO A 286 9.73 2.26 -11.47
C PRO A 286 9.92 3.60 -12.20
N ASP A 287 11.13 4.13 -12.24
CA ASP A 287 11.25 5.52 -12.73
C ASP A 287 10.73 5.76 -14.18
N ILE A 288 10.60 4.68 -14.96
CA ILE A 288 9.94 4.76 -16.23
C ILE A 288 8.58 5.51 -16.17
N LEU A 289 7.82 5.29 -15.12
CA LEU A 289 6.58 6.05 -14.90
C LEU A 289 6.68 7.57 -15.16
N ALA A 290 7.85 8.16 -14.93
CA ALA A 290 7.95 9.61 -15.10
C ALA A 290 8.91 9.98 -16.23
N ALA A 291 9.03 9.10 -17.22
CA ALA A 291 10.00 9.26 -18.31
C ALA A 291 9.60 10.49 -19.13
N TYR A 292 8.30 10.63 -19.32
CA TYR A 292 7.66 11.77 -19.93
C TYR A 292 6.49 12.22 -19.07
N ARG A 293 6.39 13.53 -18.85
CA ARG A 293 5.34 14.19 -18.05
C ARG A 293 3.90 13.83 -18.34
N ASP A 294 3.60 13.46 -19.58
CA ASP A 294 2.22 13.14 -19.89
C ASP A 294 1.87 11.64 -19.97
N ILE A 295 2.63 10.76 -19.32
CA ILE A 295 2.30 9.33 -19.44
C ILE A 295 1.01 8.94 -18.71
N LEU A 296 0.68 9.68 -17.64
CA LEU A 296 -0.58 9.47 -16.93
C LEU A 296 -1.70 10.36 -17.42
N ARG A 297 -1.42 11.29 -18.34
CA ARG A 297 -2.40 12.34 -18.70
C ARG A 297 -3.01 12.30 -20.09
N ASP A 298 -2.71 11.30 -20.90
CA ASP A 298 -3.06 11.37 -22.32
C ASP A 298 -2.96 10.00 -22.94
N ARG A 299 -4.08 9.42 -23.37
CA ARG A 299 -4.06 8.03 -23.79
C ARG A 299 -2.99 7.76 -24.82
N ASP A 300 -2.76 8.70 -25.75
CA ASP A 300 -1.81 8.49 -26.87
C ASP A 300 -0.38 8.53 -26.34
N ALA A 301 -0.11 9.42 -25.39
CA ALA A 301 1.22 9.44 -24.77
C ALA A 301 1.45 8.05 -24.19
N ASN A 302 0.52 7.63 -23.33
CA ASN A 302 0.60 6.40 -22.56
C ASN A 302 0.71 5.16 -23.43
N GLU A 303 0.04 5.17 -24.56
CA GLU A 303 0.07 4.01 -25.43
C GLU A 303 1.45 3.82 -26.11
N ARG A 304 2.19 4.91 -26.22
CA ARG A 304 3.50 4.85 -26.83
C ARG A 304 4.47 4.14 -25.90
N VAL A 305 4.38 4.49 -24.61
CA VAL A 305 5.16 3.82 -23.57
C VAL A 305 4.65 2.40 -23.41
N ALA A 306 3.35 2.27 -23.25
CA ALA A 306 2.77 0.98 -23.07
C ALA A 306 3.21 -0.02 -24.14
N GLU A 307 3.34 0.41 -25.40
CA GLU A 307 3.68 -0.56 -26.44
C GLU A 307 5.14 -0.98 -26.38
N PHE A 308 5.99 -0.12 -25.85
CA PHE A 308 7.39 -0.45 -25.82
C PHE A 308 7.51 -1.60 -24.86
N ILE A 309 6.92 -1.38 -23.68
CA ILE A 309 6.75 -2.42 -22.67
C ILE A 309 6.20 -3.75 -23.19
N ARG A 310 5.14 -3.73 -23.97
CA ARG A 310 4.57 -5.00 -24.37
C ARG A 310 5.56 -5.76 -25.22
N ASN A 311 6.32 -5.06 -26.06
CA ASN A 311 7.27 -5.74 -26.96
C ASN A 311 8.38 -6.31 -26.13
N LYS A 312 8.78 -5.56 -25.11
CA LYS A 312 9.77 -6.06 -24.15
C LYS A 312 9.34 -7.40 -23.59
N ILE A 313 8.05 -7.51 -23.28
CA ILE A 313 7.47 -8.74 -22.76
C ILE A 313 7.38 -9.85 -23.82
N ARG A 314 7.08 -9.50 -25.05
CA ARG A 314 7.04 -10.49 -26.13
C ARG A 314 8.39 -11.15 -26.36
N ASN A 315 9.47 -10.38 -26.20
CA ASN A 315 10.84 -10.80 -26.48
C ASN A 315 11.48 -11.45 -25.28
N THR A 316 10.64 -11.80 -24.33
CA THR A 316 11.10 -12.29 -23.05
C THR A 316 10.79 -13.77 -22.95
N VAL A 317 9.81 -14.22 -23.72
CA VAL A 317 9.27 -15.57 -23.56
C VAL A 317 9.37 -16.29 -24.90
N ARG A 318 10.02 -17.45 -24.89
CA ARG A 318 10.44 -18.14 -26.12
C ARG A 318 9.27 -18.42 -27.03
N ASP A 319 8.14 -18.83 -26.44
CA ASP A 319 6.94 -19.29 -27.12
C ASP A 319 5.90 -18.17 -27.24
N PRO A 320 5.50 -17.79 -28.48
CA PRO A 320 4.66 -16.58 -28.65
C PRO A 320 3.26 -16.71 -28.07
N GLU A 321 2.66 -17.89 -28.21
CA GLU A 321 1.36 -18.13 -27.63
C GLU A 321 1.33 -17.76 -26.17
N VAL A 322 2.34 -18.22 -25.43
CA VAL A 322 2.41 -17.97 -23.99
C VAL A 322 2.66 -16.47 -23.77
N ALA A 323 3.62 -15.93 -24.52
CA ALA A 323 4.00 -14.53 -24.45
C ALA A 323 2.84 -13.56 -24.64
N GLU A 324 2.00 -13.78 -25.66
CA GLU A 324 0.91 -12.83 -25.90
C GLU A 324 -0.11 -12.84 -24.76
N ARG A 325 -0.20 -13.95 -24.02
CA ARG A 325 -1.11 -14.01 -22.89
C ARG A 325 -0.57 -13.24 -21.69
N LEU A 326 0.75 -13.01 -21.70
CA LEU A 326 1.41 -12.22 -20.65
C LEU A 326 1.31 -10.72 -20.92
N VAL A 327 0.97 -10.37 -22.15
CA VAL A 327 0.90 -8.99 -22.55
C VAL A 327 -0.37 -8.28 -22.06
N PRO A 328 -0.18 -7.28 -21.19
CA PRO A 328 -1.29 -6.52 -20.60
C PRO A 328 -2.04 -5.76 -21.69
N LYS A 329 -3.33 -6.02 -21.81
CA LYS A 329 -4.15 -5.38 -22.82
C LYS A 329 -5.34 -4.86 -22.06
N GLY A 330 -6.04 -3.89 -22.65
CA GLY A 330 -7.24 -3.35 -22.03
C GLY A 330 -7.22 -1.97 -21.40
N TYR A 331 -6.06 -1.55 -20.86
CA TYR A 331 -6.00 -0.40 -19.94
C TYR A 331 -4.64 0.30 -19.89
N PRO A 332 -4.65 1.63 -19.63
CA PRO A 332 -3.47 2.50 -19.61
C PRO A 332 -2.36 2.06 -18.66
N PHE A 333 -1.16 1.95 -19.18
CA PHE A 333 0.05 1.66 -18.40
C PHE A 333 0.20 2.59 -17.21
N GLY A 334 0.54 2.06 -16.05
CA GLY A 334 0.70 2.87 -14.85
C GLY A 334 -0.53 3.13 -14.00
N THR A 335 -1.70 2.61 -14.41
CA THR A 335 -2.99 2.94 -13.76
C THR A 335 -3.50 1.86 -12.77
N LYS A 336 -2.93 0.66 -12.90
CA LYS A 336 -2.74 -0.28 -11.79
C LYS A 336 -1.30 -0.02 -11.24
N LYS A 337 -1.04 -0.25 -9.94
CA LYS A 337 0.35 -0.28 -9.43
C LYS A 337 1.28 -0.89 -10.47
N LEU A 338 2.37 -0.21 -10.75
CA LEU A 338 3.39 -0.79 -11.61
C LEU A 338 4.23 -1.80 -10.80
N ILE A 339 4.43 -2.99 -11.35
CA ILE A 339 5.06 -4.04 -10.57
C ILE A 339 6.52 -4.18 -10.99
N LEU A 340 7.44 -4.32 -10.01
CA LEU A 340 8.83 -4.75 -10.29
C LEU A 340 8.96 -6.30 -10.29
N GLU A 341 9.36 -6.91 -11.40
CA GLU A 341 9.50 -8.37 -11.46
C GLU A 341 10.97 -8.79 -11.29
N ILE A 342 11.24 -9.88 -10.55
CA ILE A 342 12.53 -10.55 -10.67
C ILE A 342 12.34 -11.98 -11.24
N ASP A 343 12.81 -12.18 -12.48
CA ASP A 343 12.76 -13.48 -13.20
C ASP A 343 11.35 -14.08 -13.24
N TYR A 344 10.35 -13.23 -13.35
CA TYR A 344 8.99 -13.68 -13.46
C TYR A 344 8.68 -14.04 -14.90
N TYR A 345 8.92 -13.13 -15.83
CA TYR A 345 8.68 -13.51 -17.20
C TYR A 345 9.62 -14.64 -17.65
N GLU A 346 10.86 -14.62 -17.17
CA GLU A 346 11.83 -15.68 -17.50
C GLU A 346 11.23 -17.00 -17.05
N MET A 347 10.60 -17.00 -15.86
CA MET A 347 9.96 -18.20 -15.32
C MET A 347 9.15 -19.00 -16.35
N PHE A 348 8.38 -18.33 -17.19
CA PHE A 348 7.50 -19.03 -18.14
C PHE A 348 8.24 -19.80 -19.20
N ASN A 349 9.57 -19.69 -19.23
CA ASN A 349 10.34 -20.53 -20.13
C ASN A 349 10.60 -21.88 -19.50
N ARG A 350 10.76 -21.94 -18.18
CA ARG A 350 10.90 -23.21 -17.45
CA ARG A 350 10.95 -23.25 -17.54
C ARG A 350 9.73 -24.12 -17.82
N ASP A 351 9.95 -25.41 -17.97
CA ASP A 351 8.86 -26.29 -18.41
C ASP A 351 8.08 -26.97 -17.29
N ASN A 352 8.28 -26.57 -16.03
CA ASN A 352 7.37 -26.97 -14.94
C ASN A 352 6.39 -25.85 -14.50
N VAL A 353 6.36 -24.77 -15.29
CA VAL A 353 5.51 -23.59 -15.06
C VAL A 353 4.51 -23.43 -16.20
N HIS A 354 3.24 -23.20 -15.85
CA HIS A 354 2.18 -23.05 -16.86
C HIS A 354 1.23 -21.86 -16.58
N LEU A 355 1.05 -21.03 -17.61
CA LEU A 355 0.19 -19.86 -17.50
C LEU A 355 -1.24 -20.18 -17.89
N VAL A 356 -2.12 -20.21 -16.90
CA VAL A 356 -3.54 -20.41 -17.17
C VAL A 356 -4.27 -19.07 -17.28
N ASP A 357 -4.65 -18.74 -18.50
CA ASP A 357 -5.36 -17.52 -18.85
C ASP A 357 -6.85 -17.65 -18.50
N THR A 358 -7.34 -16.88 -17.53
CA THR A 358 -8.73 -16.99 -17.12
C THR A 358 -9.61 -15.89 -17.73
N LEU A 359 -9.01 -15.09 -18.58
CA LEU A 359 -9.75 -14.13 -19.38
C LEU A 359 -10.46 -14.92 -20.42
N SER A 360 -9.70 -15.82 -21.03
CA SER A 360 -10.18 -16.65 -22.11
C SER A 360 -10.94 -17.88 -21.56
N ALA A 361 -10.53 -18.38 -20.39
CA ALA A 361 -11.19 -19.51 -19.76
C ALA A 361 -11.48 -19.30 -18.25
N PRO A 362 -12.58 -18.60 -17.90
CA PRO A 362 -12.91 -18.20 -16.51
C PRO A 362 -12.80 -19.31 -15.49
N ILE A 363 -12.59 -18.94 -14.23
CA ILE A 363 -12.54 -19.95 -13.20
C ILE A 363 -13.96 -20.22 -12.81
N GLU A 364 -14.40 -21.44 -13.05
CA GLU A 364 -15.78 -21.79 -12.73
C GLU A 364 -15.93 -22.12 -11.26
N THR A 365 -15.07 -22.97 -10.73
CA THR A 365 -15.11 -23.31 -9.32
C THR A 365 -13.81 -23.92 -8.86
N ILE A 366 -13.60 -23.92 -7.54
CA ILE A 366 -12.60 -24.76 -6.90
C ILE A 366 -13.26 -26.11 -6.59
N THR A 367 -12.69 -27.20 -7.11
CA THR A 367 -13.09 -28.55 -6.71
C THR A 367 -12.26 -28.99 -5.49
N PRO A 368 -12.59 -30.14 -4.85
CA PRO A 368 -11.66 -30.52 -3.79
C PRO A 368 -10.29 -30.95 -4.33
N ARG A 369 -10.23 -31.41 -5.57
CA ARG A 369 -8.97 -31.85 -6.18
C ARG A 369 -8.11 -30.69 -6.78
N GLY A 370 -8.64 -29.46 -6.79
CA GLY A 370 -8.00 -28.27 -7.41
C GLY A 370 -8.88 -27.12 -7.94
N VAL A 371 -8.71 -26.77 -9.21
CA VAL A 371 -9.40 -25.62 -9.82
C VAL A 371 -9.97 -26.01 -11.19
N ARG A 372 -11.28 -25.80 -11.40
CA ARG A 372 -11.91 -26.01 -12.71
C ARG A 372 -12.20 -24.70 -13.42
N THR A 373 -11.66 -24.58 -14.62
CA THR A 373 -12.07 -23.53 -15.53
C THR A 373 -13.13 -24.05 -16.53
N SER A 374 -13.61 -23.19 -17.42
CA SER A 374 -14.51 -23.60 -18.50
C SER A 374 -13.86 -24.58 -19.49
N GLU A 375 -12.54 -24.55 -19.60
CA GLU A 375 -11.81 -25.43 -20.53
C GLU A 375 -11.42 -26.77 -19.93
N ARG A 376 -11.03 -26.80 -18.65
CA ARG A 376 -10.38 -27.98 -18.08
C ARG A 376 -10.29 -27.93 -16.55
N GLU A 377 -9.91 -29.03 -15.91
CA GLU A 377 -9.68 -28.97 -14.47
C GLU A 377 -8.18 -29.14 -14.12
N TYR A 378 -7.75 -28.57 -12.98
CA TYR A 378 -6.35 -28.59 -12.59
C TYR A 378 -6.26 -29.19 -11.23
N GLU A 379 -5.54 -30.31 -11.13
CA GLU A 379 -5.33 -30.99 -9.86
C GLU A 379 -4.10 -30.44 -9.11
N LEU A 380 -4.31 -30.08 -7.83
CA LEU A 380 -3.33 -29.37 -7.02
C LEU A 380 -3.29 -29.80 -5.55
N ASP A 381 -2.06 -29.86 -5.03
CA ASP A 381 -1.78 -30.25 -3.66
C ASP A 381 -1.83 -29.00 -2.83
N SER A 382 -1.45 -27.88 -3.43
CA SER A 382 -1.46 -26.63 -2.71
C SER A 382 -1.98 -25.50 -3.58
N LEU A 383 -2.71 -24.56 -2.96
CA LEU A 383 -3.21 -23.41 -3.68
C LEU A 383 -2.96 -22.14 -2.89
N VAL A 384 -2.40 -21.16 -3.60
CA VAL A 384 -2.00 -19.88 -3.02
C VAL A 384 -2.85 -18.77 -3.63
N LEU A 385 -3.50 -18.03 -2.74
CA LEU A 385 -4.25 -16.84 -3.13
C LEU A 385 -3.35 -15.62 -3.02
N ALA A 386 -3.03 -15.04 -4.17
CA ALA A 386 -2.37 -13.74 -4.22
C ALA A 386 -3.38 -12.71 -4.76
N THR A 387 -4.47 -12.54 -4.03
CA THR A 387 -5.66 -11.89 -4.59
C THR A 387 -5.96 -10.56 -3.91
N GLY A 388 -4.96 -9.98 -3.27
CA GLY A 388 -5.09 -8.61 -2.94
C GLY A 388 -5.89 -8.41 -1.68
N PHE A 389 -6.31 -7.17 -1.48
CA PHE A 389 -6.84 -6.69 -0.23
C PHE A 389 -8.07 -5.83 -0.42
N ASP A 390 -8.97 -5.87 0.55
CA ASP A 390 -10.00 -4.85 0.67
C ASP A 390 -9.25 -3.54 0.98
N ALA A 391 -9.14 -2.65 0.02
CA ALA A 391 -8.09 -1.63 0.08
C ALA A 391 -8.60 -0.30 0.58
N LEU A 392 -7.79 0.34 1.42
CA LEU A 392 -7.99 1.71 1.87
C LEU A 392 -9.11 1.83 2.88
N THR A 393 -10.23 1.19 2.63
CA THR A 393 -11.39 1.35 3.47
C THR A 393 -11.62 0.04 4.17
N GLY A 394 -11.00 -1.02 3.64
CA GLY A 394 -11.28 -2.37 4.09
C GLY A 394 -11.20 -2.50 5.60
N ALA A 395 -10.18 -1.90 6.17
CA ALA A 395 -9.83 -2.19 7.52
C ALA A 395 -10.74 -1.43 8.49
N LEU A 396 -10.99 -0.15 8.22
CA LEU A 396 -11.96 0.63 8.99
C LEU A 396 -13.34 -0.05 8.96
N PHE A 397 -13.70 -0.54 7.78
CA PHE A 397 -15.06 -1.11 7.59
C PHE A 397 -15.35 -2.30 8.49
N LYS A 398 -14.31 -3.01 8.92
CA LYS A 398 -14.42 -4.10 9.88
C LYS A 398 -14.58 -3.65 11.33
N ILE A 399 -14.51 -2.34 11.57
CA ILE A 399 -14.65 -1.77 12.92
C ILE A 399 -15.98 -1.02 12.92
N ASP A 400 -16.82 -1.22 13.94
CA ASP A 400 -18.06 -0.49 13.99
C ASP A 400 -17.81 0.96 14.48
N ILE A 401 -17.32 1.82 13.60
CA ILE A 401 -17.08 3.23 13.95
C ILE A 401 -18.32 4.11 13.73
N ARG A 402 -18.75 4.74 14.84
CA ARG A 402 -19.94 5.59 14.97
C ARG A 402 -19.53 6.99 15.31
N GLY A 403 -19.99 7.96 14.53
CA GLY A 403 -19.75 9.39 14.84
C GLY A 403 -20.89 10.12 15.55
N VAL A 404 -20.94 11.44 15.41
CA VAL A 404 -22.04 12.23 15.91
C VAL A 404 -23.36 11.77 15.31
N GLY A 405 -24.41 11.72 16.11
CA GLY A 405 -25.73 11.36 15.61
C GLY A 405 -25.83 9.88 15.35
N ASN A 406 -24.85 9.15 15.89
CA ASN A 406 -24.68 7.71 15.71
C ASN A 406 -24.53 7.26 14.24
N VAL A 407 -23.97 8.11 13.40
CA VAL A 407 -23.74 7.75 11.99
C VAL A 407 -22.59 6.74 11.87
N ALA A 408 -22.83 5.60 11.22
CA ALA A 408 -21.73 4.66 10.91
C ALA A 408 -20.85 5.26 9.82
N LEU A 409 -19.54 5.05 9.90
CA LEU A 409 -18.66 5.57 8.88
C LEU A 409 -18.84 4.67 7.68
N LYS A 410 -19.06 3.39 7.99
CA LYS A 410 -19.30 2.36 6.96
C LYS A 410 -20.39 2.81 5.99
N GLU A 411 -21.31 3.62 6.50
CA GLU A 411 -22.46 4.07 5.74
C GLU A 411 -22.22 5.45 5.11
N LYS A 412 -21.69 6.39 5.89
CA LYS A 412 -21.25 7.69 5.37
C LYS A 412 -20.44 7.51 4.09
N TRP A 413 -19.58 6.50 4.12
CA TRP A 413 -18.63 6.26 3.06
C TRP A 413 -19.08 5.21 2.04
N ALA A 414 -20.35 4.79 2.10
CA ALA A 414 -20.84 3.64 1.32
C ALA A 414 -20.85 3.84 -0.21
N ALA A 415 -20.70 5.11 -0.61
CA ALA A 415 -20.68 5.50 -2.02
C ALA A 415 -19.26 6.00 -2.37
N GLY A 416 -18.37 5.82 -1.40
CA GLY A 416 -16.96 6.15 -1.50
C GLY A 416 -16.51 6.97 -0.29
N PRO A 417 -15.20 6.93 0.03
CA PRO A 417 -14.65 7.68 1.15
C PRO A 417 -14.87 9.18 1.00
N ARG A 418 -15.31 9.84 2.07
CA ARG A 418 -15.61 11.28 2.02
CA ARG A 418 -15.56 11.28 1.99
C ARG A 418 -14.73 11.95 3.07
N THR A 419 -13.70 12.67 2.65
CA THR A 419 -12.77 13.20 3.63
C THR A 419 -12.39 14.63 3.41
N TYR A 420 -12.01 15.32 4.49
CA TYR A 420 -11.31 16.60 4.32
C TYR A 420 -9.81 16.36 4.38
N LEU A 421 -9.10 16.49 3.24
CA LEU A 421 -7.66 16.18 3.16
C LEU A 421 -7.36 14.70 3.39
N GLY A 422 -8.39 13.88 3.45
CA GLY A 422 -8.20 12.49 3.84
C GLY A 422 -7.93 12.33 5.33
N LEU A 423 -7.56 13.40 6.00
CA LEU A 423 -7.13 13.26 7.38
C LEU A 423 -8.30 12.99 8.26
N SER A 424 -9.45 13.60 7.95
CA SER A 424 -10.59 13.55 8.86
C SER A 424 -11.87 13.54 8.08
N THR A 425 -12.92 13.05 8.74
CA THR A 425 -14.25 13.15 8.12
C THR A 425 -15.23 13.90 9.02
N ALA A 426 -16.05 14.75 8.40
CA ALA A 426 -17.04 15.57 9.11
C ALA A 426 -18.05 14.66 9.77
N GLY A 427 -18.45 15.02 10.99
CA GLY A 427 -19.34 14.19 11.78
C GLY A 427 -18.62 13.20 12.68
N PHE A 428 -17.29 13.24 12.69
CA PHE A 428 -16.48 12.33 13.50
C PHE A 428 -15.30 13.12 14.12
N PRO A 429 -15.61 14.05 15.02
CA PRO A 429 -14.51 14.81 15.60
C PRO A 429 -13.44 13.89 16.16
N ASN A 430 -12.18 14.36 16.15
CA ASN A 430 -11.09 13.74 16.88
C ASN A 430 -10.72 12.39 16.32
N LEU A 431 -10.93 12.24 15.02
CA LEU A 431 -10.64 11.00 14.32
C LEU A 431 -9.69 11.29 13.20
N PHE A 432 -8.60 10.52 13.15
CA PHE A 432 -7.59 10.75 12.15
C PHE A 432 -7.16 9.49 11.43
N PHE A 433 -7.15 9.55 10.09
CA PHE A 433 -6.76 8.47 9.19
C PHE A 433 -5.37 8.75 8.69
N ILE A 434 -4.49 7.76 8.79
CA ILE A 434 -3.10 7.93 8.39
C ILE A 434 -2.88 7.34 7.02
N ALA A 435 -2.38 8.17 6.10
CA ALA A 435 -1.99 7.73 4.76
C ALA A 435 -3.10 6.98 4.02
N GLY A 436 -4.32 7.54 3.99
CA GLY A 436 -5.47 6.79 3.47
C GLY A 436 -6.21 7.59 2.39
N PRO A 437 -7.42 7.14 2.00
CA PRO A 437 -8.16 7.84 0.93
C PRO A 437 -8.33 9.34 1.20
N GLY A 438 -8.26 10.16 0.16
CA GLY A 438 -8.30 11.58 0.32
C GLY A 438 -6.91 12.21 0.29
N SER A 439 -5.88 11.37 0.16
CA SER A 439 -4.50 11.81 0.34
C SER A 439 -3.55 11.03 -0.57
N PRO A 440 -2.28 11.45 -0.63
CA PRO A 440 -1.37 10.76 -1.56
C PRO A 440 -1.18 9.27 -1.28
N SER A 441 -1.04 8.89 -0.03
CA SER A 441 -1.18 7.48 0.33
C SER A 441 -0.22 6.59 -0.50
N ALA A 442 -0.75 5.56 -1.16
CA ALA A 442 0.06 4.64 -1.89
C ALA A 442 0.50 5.12 -3.27
N LEU A 443 0.27 6.38 -3.62
CA LEU A 443 0.80 6.90 -4.91
C LEU A 443 2.16 7.54 -4.67
N SER A 444 2.76 7.18 -3.55
CA SER A 444 3.86 7.91 -2.93
C SER A 444 4.75 6.86 -2.24
N ASN A 445 6.03 7.17 -2.09
CA ASN A 445 6.84 6.42 -1.17
C ASN A 445 6.10 6.53 0.17
N MET A 446 5.62 5.40 0.66
CA MET A 446 4.66 5.50 1.73
C MET A 446 5.27 5.97 3.03
N LEU A 447 6.59 5.84 3.17
CA LEU A 447 7.23 6.35 4.38
C LEU A 447 7.21 7.87 4.40
N VAL A 448 7.28 8.47 3.22
CA VAL A 448 7.08 9.90 3.09
C VAL A 448 5.61 10.34 3.38
N SER A 449 4.63 9.70 2.71
CA SER A 449 3.17 9.90 2.94
C SER A 449 2.81 9.71 4.38
N ILE A 450 3.31 8.66 4.99
CA ILE A 450 3.10 8.33 6.40
C ILE A 450 3.78 9.27 7.41
N GLU A 451 5.03 9.66 7.16
CA GLU A 451 5.70 10.53 8.14
C GLU A 451 5.02 11.91 8.20
N GLN A 452 4.65 12.42 7.03
CA GLN A 452 3.99 13.72 6.99
C GLN A 452 2.64 13.74 7.74
N HIS A 453 1.83 12.67 7.53
CA HIS A 453 0.54 12.49 8.22
C HIS A 453 0.67 12.38 9.71
N VAL A 454 1.56 11.51 10.19
CA VAL A 454 1.82 11.44 11.63
C VAL A 454 2.26 12.80 12.14
N GLU A 455 3.18 13.45 11.43
CA GLU A 455 3.66 14.74 11.90
C GLU A 455 2.52 15.69 12.02
N TRP A 456 1.82 15.90 10.90
CA TRP A 456 0.62 16.72 10.84
C TRP A 456 -0.45 16.40 11.87
N VAL A 457 -0.79 15.11 12.03
CA VAL A 457 -1.84 14.74 13.01
C VAL A 457 -1.40 15.06 14.45
N THR A 458 -0.21 14.60 14.79
CA THR A 458 0.32 14.77 16.13
C THR A 458 0.67 16.26 16.42
N ASP A 459 1.04 17.05 15.41
CA ASP A 459 1.15 18.50 15.61
C ASP A 459 -0.20 19.04 16.05
N HIS A 460 -1.24 18.64 15.32
CA HIS A 460 -2.58 19.08 15.61
C HIS A 460 -3.01 18.73 17.03
N ILE A 461 -2.76 17.51 17.46
CA ILE A 461 -3.14 17.11 18.80
C ILE A 461 -2.36 17.93 19.84
N ALA A 462 -1.05 18.02 19.67
CA ALA A 462 -0.21 18.87 20.48
C ALA A 462 -0.80 20.27 20.56
N TYR A 463 -1.23 20.78 19.42
CA TYR A 463 -1.77 22.14 19.31
C TYR A 463 -3.16 22.32 19.91
N MET A 464 -3.97 21.28 19.88
CA MET A 464 -5.25 21.31 20.59
C MET A 464 -4.98 21.47 22.07
N PHE A 465 -4.10 20.64 22.60
CA PHE A 465 -3.68 20.70 24.01
C PHE A 465 -3.02 22.02 24.41
N LYS A 466 -2.05 22.49 23.61
CA LYS A 466 -1.46 23.82 23.81
C LYS A 466 -2.58 24.85 24.02
N ASN A 467 -3.57 24.89 23.13
CA ASN A 467 -4.61 25.91 23.26
C ASN A 467 -5.83 25.53 24.15
N GLY A 468 -5.69 24.47 24.95
CA GLY A 468 -6.79 23.96 25.78
C GLY A 468 -8.11 23.85 25.04
N LEU A 469 -8.11 23.25 23.84
CA LEU A 469 -9.35 22.94 23.11
C LEU A 469 -9.55 21.41 23.18
N THR A 470 -10.75 20.90 22.89
CA THR A 470 -10.97 19.44 23.01
C THR A 470 -11.76 18.76 21.87
N ARG A 471 -12.13 19.53 20.85
CA ARG A 471 -12.95 19.01 19.75
C ARG A 471 -12.46 19.53 18.41
N SER A 472 -12.07 18.61 17.55
CA SER A 472 -11.65 18.98 16.22
C SER A 472 -12.52 18.26 15.24
N GLU A 473 -13.15 19.02 14.36
CA GLU A 473 -14.05 18.44 13.37
C GLU A 473 -13.82 19.12 12.04
N ALA A 474 -13.77 18.32 10.97
CA ALA A 474 -13.80 18.88 9.64
C ALA A 474 -15.18 19.48 9.33
N VAL A 475 -15.18 20.67 8.71
CA VAL A 475 -16.40 21.37 8.29
C VAL A 475 -17.00 20.72 7.05
N LEU A 476 -18.27 20.32 7.15
CA LEU A 476 -18.89 19.49 6.10
C LEU A 476 -18.76 19.99 4.64
N GLU A 477 -18.71 21.30 4.43
CA GLU A 477 -18.66 21.85 3.06
C GLU A 477 -17.26 21.77 2.52
N LYS A 478 -16.30 21.86 3.44
CA LYS A 478 -14.89 21.76 3.09
C LYS A 478 -14.55 20.32 2.76
N GLU A 479 -14.94 19.38 3.60
CA GLU A 479 -14.95 17.97 3.20
C GLU A 479 -15.54 17.79 1.80
N ASP A 480 -16.63 18.48 1.53
CA ASP A 480 -17.37 18.34 0.27
C ASP A 480 -16.62 18.92 -0.88
N GLU A 481 -15.99 20.04 -0.63
CA GLU A 481 -15.15 20.70 -1.60
C GLU A 481 -13.86 19.88 -1.89
N TRP A 482 -13.29 19.29 -0.83
CA TRP A 482 -12.15 18.41 -0.95
C TRP A 482 -12.43 17.20 -1.84
N VAL A 483 -13.47 16.45 -1.49
CA VAL A 483 -13.91 15.37 -2.37
C VAL A 483 -14.10 15.77 -3.86
N GLU A 484 -14.78 16.89 -4.15
CA GLU A 484 -14.99 17.24 -5.56
C GLU A 484 -13.63 17.53 -6.18
N HIS A 485 -12.76 18.13 -5.37
CA HIS A 485 -11.42 18.39 -5.82
C HIS A 485 -10.61 17.11 -6.10
N VAL A 486 -10.64 16.16 -5.17
CA VAL A 486 -9.97 14.88 -5.41
C VAL A 486 -10.46 14.27 -6.72
N ASN A 487 -11.75 14.35 -6.98
CA ASN A 487 -12.31 13.73 -8.18
C ASN A 487 -11.97 14.47 -9.45
N GLU A 488 -11.93 15.79 -9.38
CA GLU A 488 -11.63 16.57 -10.58
C GLU A 488 -10.23 16.31 -11.04
N ILE A 489 -9.29 16.35 -10.10
CA ILE A 489 -7.92 16.13 -10.51
C ILE A 489 -7.69 14.69 -10.97
N ALA A 490 -8.27 13.73 -10.26
CA ALA A 490 -8.23 12.33 -10.71
C ALA A 490 -8.65 12.26 -12.15
N ASP A 491 -9.71 13.01 -12.50
CA ASP A 491 -10.30 13.01 -13.85
C ASP A 491 -9.53 13.73 -14.97
N GLU A 492 -8.54 14.55 -14.63
CA GLU A 492 -7.60 15.04 -15.64
C GLU A 492 -6.54 13.99 -15.98
N THR A 493 -6.41 12.95 -15.15
CA THR A 493 -5.50 11.84 -15.44
C THR A 493 -6.25 10.63 -16.01
N LEU A 494 -5.50 9.54 -16.19
CA LEU A 494 -6.02 8.30 -16.75
C LEU A 494 -6.35 7.28 -15.65
N TYR A 495 -6.16 7.66 -14.41
CA TYR A 495 -6.41 6.74 -13.34
C TYR A 495 -7.84 6.16 -13.30
N PRO A 496 -8.88 7.03 -13.29
CA PRO A 496 -10.27 6.60 -13.09
C PRO A 496 -10.77 5.59 -14.11
N MET A 497 -10.12 5.59 -15.27
CA MET A 497 -10.45 4.72 -16.40
C MET A 497 -10.27 3.24 -16.14
N THR A 498 -9.49 2.84 -15.14
CA THR A 498 -9.22 1.40 -14.97
C THR A 498 -9.64 0.80 -13.61
N ALA A 499 -9.88 -0.51 -13.65
CA ALA A 499 -10.30 -1.25 -12.50
C ALA A 499 -9.02 -1.73 -11.77
N SER A 500 -8.74 -1.12 -10.63
CA SER A 500 -7.58 -1.42 -9.79
C SER A 500 -8.13 -1.37 -8.39
N TRP A 501 -7.32 -1.74 -7.40
CA TRP A 501 -7.78 -1.60 -6.03
C TRP A 501 -7.91 -0.13 -5.61
N TYR A 502 -7.31 0.76 -6.42
CA TYR A 502 -7.32 2.18 -6.17
C TYR A 502 -8.76 2.68 -6.31
N THR A 503 -9.53 2.00 -7.16
CA THR A 503 -10.92 2.37 -7.43
C THR A 503 -11.90 1.43 -6.71
N GLY A 504 -11.39 0.58 -5.83
CA GLY A 504 -12.21 -0.36 -5.09
C GLY A 504 -12.64 -1.53 -5.97
N ALA A 505 -12.14 -1.61 -7.19
CA ALA A 505 -12.69 -2.58 -8.16
C ALA A 505 -12.32 -4.05 -7.92
N ASN A 506 -11.41 -4.32 -7.00
CA ASN A 506 -11.02 -5.70 -6.72
C ASN A 506 -11.98 -6.39 -5.74
N VAL A 507 -13.05 -5.68 -5.34
CA VAL A 507 -14.02 -6.15 -4.32
C VAL A 507 -15.43 -6.04 -4.89
N PRO A 508 -16.19 -7.15 -4.89
CA PRO A 508 -17.49 -7.10 -5.55
C PRO A 508 -18.45 -6.22 -4.80
N GLY A 509 -19.02 -5.25 -5.49
CA GLY A 509 -20.03 -4.43 -4.89
C GLY A 509 -19.53 -3.16 -4.27
N LYS A 510 -18.21 -3.04 -4.14
CA LYS A 510 -17.55 -1.82 -3.64
C LYS A 510 -17.72 -0.71 -4.67
N PRO A 511 -18.21 0.45 -4.23
CA PRO A 511 -18.33 1.65 -5.08
C PRO A 511 -17.07 1.94 -5.92
N ARG A 512 -17.23 2.14 -7.22
CA ARG A 512 -16.11 2.29 -8.16
C ARG A 512 -15.68 3.76 -8.27
N VAL A 513 -14.94 4.26 -7.27
CA VAL A 513 -14.40 5.64 -7.24
C VAL A 513 -12.88 5.59 -7.10
N PHE A 514 -12.17 6.42 -7.86
CA PHE A 514 -10.76 6.56 -7.62
C PHE A 514 -10.54 7.22 -6.27
N MET A 515 -9.90 6.53 -5.34
CA MET A 515 -9.88 6.97 -3.94
C MET A 515 -8.68 7.80 -3.48
N LEU A 516 -7.68 7.99 -4.33
CA LEU A 516 -6.48 8.67 -3.88
C LEU A 516 -6.31 10.09 -4.44
N TYR A 517 -5.57 10.91 -3.70
CA TYR A 517 -5.17 12.23 -4.20
C TYR A 517 -4.01 12.11 -5.19
N VAL A 518 -4.22 12.53 -6.43
CA VAL A 518 -3.23 12.47 -7.52
C VAL A 518 -2.37 13.71 -7.83
N GLY A 519 -2.35 14.71 -6.95
CA GLY A 519 -1.68 15.96 -7.28
C GLY A 519 -0.18 15.91 -7.04
N GLY A 520 0.23 14.87 -6.31
CA GLY A 520 1.62 14.71 -5.91
C GLY A 520 1.72 15.05 -4.45
N PHE A 521 2.62 14.36 -3.77
CA PHE A 521 2.88 14.59 -2.37
C PHE A 521 3.24 16.04 -1.97
N HIS A 522 4.09 16.68 -2.76
CA HIS A 522 4.72 17.94 -2.42
C HIS A 522 3.57 18.95 -2.28
N ARG A 523 2.84 19.12 -3.38
CA ARG A 523 1.56 19.85 -3.40
C ARG A 523 0.63 19.51 -2.24
N TYR A 524 0.41 18.23 -1.96
CA TYR A 524 -0.46 17.91 -0.86
C TYR A 524 0.08 18.44 0.46
N ARG A 525 1.40 18.29 0.72
CA ARG A 525 2.00 18.82 1.95
CA ARG A 525 2.03 18.82 1.94
C ARG A 525 1.89 20.34 2.06
N GLN A 526 2.10 21.03 0.96
CA GLN A 526 1.94 22.45 0.89
C GLN A 526 0.59 22.85 1.44
N ILE A 527 -0.46 22.14 0.97
CA ILE A 527 -1.86 22.42 1.33
C ILE A 527 -2.02 22.16 2.81
N CYS A 528 -1.53 21.01 3.25
CA CYS A 528 -1.62 20.66 4.66
C CYS A 528 -0.92 21.73 5.52
N ASP A 529 0.19 22.27 5.02
CA ASP A 529 0.90 23.31 5.74
C ASP A 529 0.19 24.64 5.82
N GLU A 530 -0.42 25.09 4.70
CA GLU A 530 -1.17 26.35 4.64
C GLU A 530 -2.34 26.24 5.54
N VAL A 531 -2.96 25.06 5.52
CA VAL A 531 -4.03 24.71 6.48
C VAL A 531 -3.61 24.83 7.96
N ALA A 532 -2.50 24.20 8.36
CA ALA A 532 -2.12 24.27 9.77
C ALA A 532 -1.72 25.70 10.11
N ALA A 533 -1.11 26.38 9.14
CA ALA A 533 -0.64 27.73 9.33
C ALA A 533 -1.79 28.67 9.74
N LYS A 534 -2.99 28.41 9.23
CA LYS A 534 -4.11 29.31 9.46
C LYS A 534 -4.99 28.84 10.61
N GLY A 535 -4.41 28.13 11.56
CA GLY A 535 -5.17 27.59 12.67
C GLY A 535 -6.04 26.40 12.30
N TYR A 536 -5.67 25.72 11.22
CA TYR A 536 -6.38 24.54 10.79
C TYR A 536 -7.69 24.91 10.14
N GLU A 537 -7.56 25.76 9.12
CA GLU A 537 -8.67 26.22 8.31
C GLU A 537 -9.39 25.00 7.75
N GLY A 538 -10.70 24.96 7.99
CA GLY A 538 -11.53 23.87 7.50
C GLY A 538 -11.87 22.94 8.64
N PHE A 539 -11.40 23.26 9.83
CA PHE A 539 -11.80 22.53 11.03
C PHE A 539 -12.59 23.47 11.94
N VAL A 540 -13.53 22.90 12.69
CA VAL A 540 -14.16 23.63 13.74
C VAL A 540 -13.55 23.16 15.08
N LEU A 541 -12.78 24.04 15.68
CA LEU A 541 -12.09 23.79 16.93
C LEU A 541 -12.87 24.36 18.10
N THR A 542 -13.09 23.55 19.13
CA THR A 542 -13.78 23.97 20.37
C THR A 542 -13.20 23.16 21.54
PA FAD B . 0.08 -1.43 7.88
O1A FAD B . -0.78 -1.94 6.79
O2A FAD B . 1.55 -1.86 7.73
O5B FAD B . -0.32 -1.83 9.38
C5B FAD B . -1.62 -1.68 9.88
C4B FAD B . -1.65 -2.52 11.14
O4B FAD B . -2.85 -2.29 11.83
C3B FAD B . -1.59 -3.98 10.81
O3B FAD B . -0.76 -4.57 11.77
C2B FAD B . -2.98 -4.48 11.03
O2B FAD B . -2.93 -5.80 11.53
C1B FAD B . -3.42 -3.55 12.14
N9A FAD B . -4.89 -3.51 12.29
C8A FAD B . -5.82 -3.33 11.29
N7A FAD B . -7.06 -3.35 11.84
C5A FAD B . -6.93 -3.53 13.18
C6A FAD B . -7.86 -3.62 14.23
N6A FAD B . -9.16 -3.38 14.03
N1A FAD B . -7.41 -3.80 15.50
C2A FAD B . -6.05 -3.90 15.76
N3A FAD B . -5.14 -3.82 14.73
C4A FAD B . -5.56 -3.63 13.46
N1 FAD B . 4.48 1.02 0.11
C2 FAD B . 5.55 1.66 -0.48
O2 FAD B . 5.66 2.88 -0.47
N3 FAD B . 6.52 0.97 -1.14
C4 FAD B . 6.45 -0.41 -1.21
O4 FAD B . 7.31 -1.04 -1.79
C4X FAD B . 5.41 -1.08 -0.62
N5 FAD B . 5.38 -2.46 -0.68
C5X FAD B . 4.43 -3.11 0.10
C6 FAD B . 4.37 -4.50 0.08
C7 FAD B . 3.21 -5.21 0.45
C7M FAD B . 3.24 -6.73 0.39
C8 FAD B . 2.09 -4.46 0.84
C8M FAD B . 0.77 -5.08 1.23
C9 FAD B . 2.15 -3.06 0.89
C9A FAD B . 3.30 -2.37 0.53
N10 FAD B . 3.37 -0.99 0.64
C10 FAD B . 4.32 -0.34 -0.11
C1' FAD B . 2.17 -0.21 1.09
C2' FAD B . 2.14 -0.30 2.59
O2' FAD B . 0.81 -0.08 2.97
C3' FAD B . 3.01 0.77 3.27
O3' FAD B . 4.27 0.79 2.66
C4' FAD B . 3.16 0.59 4.78
O4' FAD B . 3.85 -0.61 5.14
C5' FAD B . 1.80 0.68 5.47
O5' FAD B . 1.99 0.76 6.85
P FAD B . 0.85 1.31 7.79
O1P FAD B . 1.38 1.69 9.14
O2P FAD B . 0.00 2.33 7.04
O3P FAD B . -0.19 0.13 8.01
O3 N01 C . -3.05 -7.63 -5.04
PA N01 C . -3.61 -6.88 -6.34
PN N01 C . -1.46 -7.78 -4.72
N1A N01 C . -10.60 -14.15 -9.77
O1A N01 C . -2.58 -5.94 -6.88
C1B N01 C . -6.38 -11.21 -9.15
C1D N01 C . 1.02 -3.63 -2.63
N1N N01 C . 2.01 -4.71 -2.82
O1N N01 C . -0.69 -8.77 -5.63
O1X N01 C . -6.33 -7.52 -11.93
C2A N01 C . -9.40 -14.26 -10.39
O2A N01 C . -4.96 -6.14 -5.84
C2B N01 C . -6.36 -9.83 -9.81
O2B N01 C . -6.79 -10.16 -11.14
P2B N01 C . -7.30 -8.84 -11.95
C2D N01 C . 0.97 -2.83 -3.96
O2D N01 C . 0.59 -1.50 -3.60
C2N N01 C . 3.24 -4.28 -3.20
O2N N01 C . -1.60 -8.32 -3.26
O2X N01 C . -7.68 -9.20 -13.38
N3A N01 C . -8.39 -13.42 -10.13
C3B N01 C . -4.86 -9.52 -9.59
O3B N01 C . -4.14 -10.39 -10.47
C3D N01 C . -0.03 -3.75 -4.72
O3D N01 C . -0.61 -3.10 -5.84
C3N N01 C . 4.30 -5.18 -3.43
O3X N01 C . -8.47 -8.37 -10.92
C4A N01 C . -8.57 -12.45 -9.22
C4B N01 C . -4.60 -10.02 -8.16
O4B N01 C . -5.46 -11.16 -8.01
C4D N01 C . -1.10 -4.09 -3.63
O4D N01 C . -0.33 -4.16 -2.39
C4N N01 C . 4.02 -6.56 -3.23
C5A N01 C . -9.81 -12.28 -8.53
C5B N01 C . -4.80 -9.02 -6.99
O5B N01 C . -3.83 -8.05 -7.37
C5D N01 C . -1.77 -5.46 -3.85
O5D N01 C . -0.94 -6.27 -4.70
C5N N01 C . 2.73 -6.98 -2.84
C6A N01 C . -10.85 -13.18 -8.84
N6A N01 C . -12.10 -13.04 -8.19
C6N N01 C . 1.73 -6.02 -2.64
N7A N01 C . -9.70 -11.20 -7.70
C7N N01 C . 5.63 -4.65 -3.85
O7N N01 C . 6.31 -5.16 -4.93
C8A N01 C . -8.49 -10.70 -7.82
N9A N01 C . -7.77 -11.43 -8.74
CAA N01 C . 6.09 -3.69 -3.24
O1 P6G D . 22.23 4.02 -19.97
C2 P6G D . 22.37 5.19 -19.12
C3 P6G D . 21.63 4.94 -17.81
O4 P6G D . 20.67 5.95 -17.47
C5 P6G D . 19.32 5.67 -17.89
C6 P6G D . 18.28 6.36 -17.00
O7 P6G D . 17.51 7.32 -17.75
C8 P6G D . 17.18 8.48 -16.97
C9 P6G D . 17.57 9.78 -17.69
O10 P6G D . 17.58 10.90 -16.78
#